data_4LQK
#
_entry.id   4LQK
#
_cell.length_a   107.114
_cell.length_b   107.633
_cell.length_c   137.899
_cell.angle_alpha   90.00
_cell.angle_beta   90.00
_cell.angle_gamma   90.00
#
_symmetry.space_group_name_H-M   'C 2 2 21'
#
loop_
_entity.id
_entity.type
_entity.pdbx_description
1 polymer 'Protein A46'
2 non-polymer 'SODIUM ION'
3 non-polymer 'BROMIDE ION'
4 water water
#
_entity_poly.entity_id   1
_entity_poly.type   'polypeptide(L)'
_entity_poly.pdbx_seq_one_letter_code
;NKYSFKLILAEYIRHRNTISGNIYSAL(MSE)TLDDLAIKQYGDIDLLFNEKLKVDSDSGLFDFVNFVKD(MSE)ICCDS
RIVVALSSLVSKHWELTNKKYRC(MSE)ALAEHISDSIPISELSRLRYNLSKYLRGHTESIEDKFDYFEDDDSST
;
_entity_poly.pdbx_strand_id   C,D,A,B
#
loop_
_chem_comp.id
_chem_comp.type
_chem_comp.name
_chem_comp.formula
BR non-polymer 'BROMIDE ION' 'Br -1'
NA non-polymer 'SODIUM ION' 'Na 1'
#
# COMPACT_ATOMS: atom_id res chain seq x y z
N SER A 4 -22.11 -10.61 25.53
CA SER A 4 -23.54 -10.73 25.14
C SER A 4 -23.88 -9.80 23.99
N PHE A 5 -23.52 -8.54 24.13
CA PHE A 5 -23.52 -7.66 22.97
C PHE A 5 -22.46 -8.10 21.95
N LYS A 6 -21.28 -8.51 22.42
CA LYS A 6 -20.27 -9.12 21.56
C LYS A 6 -20.88 -10.22 20.69
N LEU A 7 -21.65 -11.08 21.33
CA LEU A 7 -22.26 -12.23 20.67
C LEU A 7 -23.32 -11.81 19.67
N ILE A 8 -24.02 -10.72 19.96
CA ILE A 8 -24.98 -10.15 19.00
C ILE A 8 -24.26 -9.69 17.75
N LEU A 9 -23.14 -8.98 17.95
CA LEU A 9 -22.34 -8.51 16.83
C LEU A 9 -21.83 -9.68 16.05
N ALA A 10 -21.35 -10.71 16.73
CA ALA A 10 -20.80 -11.88 16.03
C ALA A 10 -21.87 -12.54 15.19
N GLU A 11 -23.05 -12.69 15.78
CA GLU A 11 -24.14 -13.35 15.12
C GLU A 11 -24.54 -12.54 13.87
N TYR A 12 -24.62 -11.22 14.02
CA TYR A 12 -24.92 -10.33 12.90
C TYR A 12 -23.94 -10.46 11.76
N ILE A 13 -22.64 -10.44 12.07
CA ILE A 13 -21.63 -10.50 11.03
C ILE A 13 -21.66 -11.88 10.40
N ARG A 14 -21.71 -12.91 11.23
CA ARG A 14 -21.70 -14.30 10.75
C ARG A 14 -22.87 -14.56 9.80
N HIS A 15 -24.07 -14.12 10.18
CA HIS A 15 -25.29 -14.48 9.45
C HIS A 15 -26.03 -13.32 8.80
N ARG A 16 -25.32 -12.23 8.49
CA ARG A 16 -25.91 -11.05 7.85
C ARG A 16 -26.89 -11.42 6.73
N ASN A 17 -26.52 -12.36 5.89
CA ASN A 17 -27.32 -12.67 4.72
C ASN A 17 -28.77 -13.15 5.01
N THR A 18 -28.97 -13.89 6.09
CA THR A 18 -30.27 -14.53 6.41
C THR A 18 -30.89 -14.11 7.73
N ILE A 19 -30.15 -13.39 8.56
CA ILE A 19 -30.58 -13.19 9.93
C ILE A 19 -31.83 -12.29 10.04
N SER A 20 -32.63 -12.54 11.07
CA SER A 20 -33.90 -11.82 11.27
C SER A 20 -34.02 -11.32 12.67
N GLY A 21 -34.64 -10.15 12.82
CA GLY A 21 -34.89 -9.58 14.14
C GLY A 21 -34.62 -8.10 14.12
N ASN A 22 -35.34 -7.35 14.94
CA ASN A 22 -35.24 -5.91 14.90
C ASN A 22 -33.82 -5.40 15.14
N ILE A 23 -33.14 -5.95 16.14
CA ILE A 23 -31.78 -5.50 16.47
C ILE A 23 -30.84 -5.63 15.25
N TYR A 24 -31.02 -6.68 14.45
CA TYR A 24 -30.22 -6.89 13.25
C TYR A 24 -30.59 -5.93 12.11
N SER A 25 -31.88 -5.69 11.89
CA SER A 25 -32.31 -4.66 10.95
C SER A 25 -31.72 -3.30 11.35
N ALA A 26 -31.76 -2.99 12.63
CA ALA A 26 -31.12 -1.76 13.12
C ALA A 26 -29.66 -1.69 12.65
N LEU A 27 -28.91 -2.75 12.91
CA LEU A 27 -27.46 -2.79 12.55
C LEU A 27 -27.20 -2.65 11.04
N MSE A 28 -28.16 -3.09 10.22
CA MSE A 28 -28.05 -2.95 8.76
C MSE A 28 -28.13 -1.51 8.32
O MSE A 28 -27.61 -1.17 7.26
CB MSE A 28 -29.15 -3.75 8.03
CG MSE A 28 -29.02 -5.25 8.30
SE MSE A 28 -30.54 -6.18 7.40
CE MSE A 28 -30.34 -7.90 8.29
N THR A 29 -28.75 -0.64 9.11
CA THR A 29 -28.74 0.79 8.80
C THR A 29 -27.34 1.40 8.78
N LEU A 30 -26.38 0.73 9.41
CA LEU A 30 -24.98 1.16 9.37
C LEU A 30 -24.37 1.10 7.97
N ASP A 31 -24.93 0.29 7.07
CA ASP A 31 -24.49 0.26 5.66
C ASP A 31 -24.33 1.66 5.05
N ASP A 32 -25.26 2.55 5.39
CA ASP A 32 -25.26 3.93 4.89
C ASP A 32 -23.98 4.66 5.19
N LEU A 33 -23.40 4.41 6.37
CA LEU A 33 -22.13 5.03 6.73
C LEU A 33 -21.02 4.54 5.86
N ALA A 34 -21.00 3.23 5.61
CA ALA A 34 -19.99 2.63 4.74
C ALA A 34 -20.13 3.13 3.31
N ILE A 35 -21.38 3.26 2.84
CA ILE A 35 -21.66 3.79 1.50
CA ILE A 35 -21.63 3.77 1.49
C ILE A 35 -21.15 5.21 1.36
N LYS A 36 -21.49 6.05 2.34
CA LYS A 36 -21.03 7.42 2.36
C LYS A 36 -19.52 7.49 2.34
N GLN A 37 -18.87 6.63 3.11
CA GLN A 37 -17.43 6.65 3.26
C GLN A 37 -16.69 6.19 2.00
N TYR A 38 -17.13 5.08 1.40
CA TYR A 38 -16.39 4.51 0.29
C TYR A 38 -17.05 4.67 -1.06
N GLY A 39 -18.32 5.08 -1.08
CA GLY A 39 -19.08 5.10 -2.32
C GLY A 39 -19.53 3.70 -2.73
N ASP A 40 -18.86 3.12 -3.71
CA ASP A 40 -19.26 1.82 -4.26
C ASP A 40 -18.57 0.67 -3.50
N ILE A 41 -19.35 -0.08 -2.74
CA ILE A 41 -18.83 -1.15 -1.91
C ILE A 41 -18.34 -2.32 -2.78
N ASP A 42 -19.05 -2.62 -3.87
CA ASP A 42 -18.64 -3.67 -4.79
C ASP A 42 -17.26 -3.41 -5.35
N LEU A 43 -17.00 -2.16 -5.68
CA LEU A 43 -15.72 -1.75 -6.24
C LEU A 43 -14.63 -1.93 -5.19
N LEU A 44 -14.90 -1.47 -3.98
CA LEU A 44 -13.97 -1.66 -2.87
C LEU A 44 -13.65 -3.14 -2.67
N PHE A 45 -14.68 -3.98 -2.69
CA PHE A 45 -14.51 -5.41 -2.43
C PHE A 45 -13.86 -6.11 -3.61
N ASN A 46 -14.36 -5.86 -4.82
CA ASN A 46 -13.86 -6.57 -6.00
C ASN A 46 -12.51 -6.04 -6.51
N GLU A 47 -12.32 -4.72 -6.52
CA GLU A 47 -11.14 -4.11 -7.16
C GLU A 47 -10.02 -3.76 -6.19
N LYS A 48 -10.36 -3.20 -5.02
CA LYS A 48 -9.33 -2.74 -4.09
C LYS A 48 -8.87 -3.88 -3.18
N LEU A 49 -9.79 -4.51 -2.46
CA LEU A 49 -9.42 -5.53 -1.48
C LEU A 49 -9.29 -6.94 -2.05
N LYS A 50 -9.90 -7.17 -3.21
CA LYS A 50 -9.96 -8.50 -3.85
C LYS A 50 -10.44 -9.55 -2.86
N VAL A 51 -11.63 -9.35 -2.33
CA VAL A 51 -12.14 -10.20 -1.26
C VAL A 51 -12.39 -11.63 -1.70
N ASP A 52 -12.57 -11.87 -3.00
CA ASP A 52 -12.70 -13.24 -3.51
C ASP A 52 -11.37 -14.01 -3.68
N SER A 53 -10.23 -13.36 -3.47
CA SER A 53 -8.95 -14.03 -3.60
C SER A 53 -8.77 -15.00 -2.43
N ASP A 54 -7.78 -15.87 -2.53
CA ASP A 54 -7.48 -16.84 -1.48
C ASP A 54 -7.05 -16.19 -0.18
N SER A 55 -6.58 -14.95 -0.26
CA SER A 55 -6.19 -14.21 0.94
C SER A 55 -7.22 -13.16 1.36
N GLY A 56 -8.40 -13.20 0.75
CA GLY A 56 -9.41 -12.18 0.93
C GLY A 56 -9.83 -11.90 2.36
N LEU A 57 -9.91 -12.94 3.19
CA LEU A 57 -10.24 -12.80 4.60
C LEU A 57 -9.18 -12.00 5.34
N PHE A 58 -7.92 -12.32 5.10
CA PHE A 58 -6.81 -11.66 5.77
C PHE A 58 -6.58 -10.25 5.24
N ASP A 59 -6.83 -10.03 3.96
CA ASP A 59 -6.68 -8.70 3.38
C ASP A 59 -7.82 -7.77 3.85
N PHE A 60 -9.01 -8.35 4.06
CA PHE A 60 -10.10 -7.59 4.62
C PHE A 60 -9.84 -7.15 6.07
N VAL A 61 -9.45 -8.11 6.91
CA VAL A 61 -9.20 -7.83 8.30
C VAL A 61 -8.02 -6.84 8.40
N ASN A 62 -7.02 -6.98 7.54
CA ASN A 62 -5.91 -6.05 7.54
C ASN A 62 -6.37 -4.64 7.19
N PHE A 63 -7.36 -4.51 6.31
CA PHE A 63 -7.91 -3.22 5.93
C PHE A 63 -8.62 -2.52 7.09
N VAL A 64 -9.40 -3.28 7.86
CA VAL A 64 -10.18 -2.71 8.96
C VAL A 64 -9.47 -2.69 10.32
N LYS A 65 -8.31 -3.33 10.43
CA LYS A 65 -7.71 -3.54 11.76
C LYS A 65 -7.43 -2.26 12.56
N ASP A 66 -7.04 -1.18 11.90
CA ASP A 66 -6.75 0.07 12.60
C ASP A 66 -7.99 0.93 12.77
N MSE A 67 -8.94 0.79 11.87
CA MSE A 67 -10.10 1.66 11.95
C MSE A 67 -11.15 1.22 12.94
O MSE A 67 -12.12 1.93 13.14
CB MSE A 67 -10.68 1.96 10.57
CG MSE A 67 -11.39 0.76 10.06
SE MSE A 67 -12.08 1.24 8.32
CE MSE A 67 -10.49 1.11 7.19
N ILE A 68 -10.95 0.08 13.59
CA ILE A 68 -11.88 -0.35 14.64
C ILE A 68 -12.07 0.71 15.72
N CYS A 69 -10.94 1.13 16.30
CA CYS A 69 -10.95 2.11 17.39
CA CYS A 69 -10.94 2.10 17.38
C CYS A 69 -11.34 3.51 16.91
N CYS A 70 -11.23 3.76 15.60
CA CYS A 70 -11.79 4.98 15.01
C CYS A 70 -13.34 4.87 15.05
N ASP A 71 -13.91 3.91 14.32
CA ASP A 71 -15.37 3.74 14.17
C ASP A 71 -15.77 2.27 13.98
N SER A 72 -16.16 1.59 15.06
CA SER A 72 -16.69 0.25 14.96
C SER A 72 -17.97 0.16 14.12
N ARG A 73 -18.72 1.26 14.00
CA ARG A 73 -19.91 1.27 13.16
C ARG A 73 -19.53 0.89 11.74
N ILE A 74 -18.46 1.51 11.25
CA ILE A 74 -17.98 1.27 9.91
C ILE A 74 -17.48 -0.17 9.76
N VAL A 75 -16.75 -0.66 10.74
CA VAL A 75 -16.17 -1.99 10.67
C VAL A 75 -17.26 -3.06 10.75
N VAL A 76 -18.23 -2.87 11.63
CA VAL A 76 -19.39 -3.76 11.72
C VAL A 76 -20.16 -3.78 10.42
N ALA A 77 -20.42 -2.60 9.84
CA ALA A 77 -21.10 -2.52 8.55
C ALA A 77 -20.32 -3.24 7.46
N LEU A 78 -19.04 -2.87 7.29
CA LEU A 78 -18.19 -3.54 6.28
C LEU A 78 -18.05 -5.05 6.51
N SER A 79 -17.86 -5.47 7.75
CA SER A 79 -17.71 -6.90 8.03
C SER A 79 -18.98 -7.67 7.67
N SER A 80 -20.13 -7.12 8.04
CA SER A 80 -21.40 -7.82 7.71
C SER A 80 -21.62 -7.89 6.19
N LEU A 81 -21.27 -6.82 5.46
CA LEU A 81 -21.43 -6.80 4.01
C LEU A 81 -20.48 -7.75 3.27
N VAL A 82 -19.23 -7.86 3.73
CA VAL A 82 -18.31 -8.81 3.13
C VAL A 82 -18.69 -10.24 3.54
N SER A 83 -19.17 -10.42 4.75
CA SER A 83 -19.69 -11.72 5.17
C SER A 83 -20.86 -12.13 4.26
N LYS A 84 -21.77 -11.20 3.97
CA LYS A 84 -22.87 -11.52 3.06
C LYS A 84 -22.36 -11.87 1.67
N HIS A 85 -21.35 -11.13 1.22
CA HIS A 85 -20.75 -11.41 -0.07
C HIS A 85 -20.15 -12.82 -0.11
N TRP A 86 -19.40 -13.17 0.93
CA TRP A 86 -18.76 -14.47 1.00
C TRP A 86 -19.77 -15.63 1.12
N GLU A 87 -20.83 -15.44 1.88
CA GLU A 87 -21.89 -16.42 1.99
C GLU A 87 -22.54 -16.65 0.63
N LEU A 88 -22.77 -15.58 -0.11
CA LEU A 88 -23.29 -15.66 -1.47
C LEU A 88 -22.27 -16.16 -2.51
N THR A 89 -21.03 -16.43 -2.10
CA THR A 89 -20.06 -17.09 -2.98
C THR A 89 -19.47 -18.35 -2.34
N ASN A 90 -20.28 -19.03 -1.51
CA ASN A 90 -19.90 -20.28 -0.84
C ASN A 90 -18.60 -20.24 -0.05
N LYS A 91 -18.37 -19.16 0.67
CA LYS A 91 -17.26 -19.10 1.59
C LYS A 91 -17.76 -18.79 2.99
N LYS A 92 -18.76 -19.55 3.44
CA LYS A 92 -19.36 -19.32 4.73
C LYS A 92 -18.31 -19.47 5.84
N TYR A 93 -17.32 -20.32 5.62
CA TYR A 93 -16.25 -20.50 6.60
C TYR A 93 -15.56 -19.18 6.92
N ARG A 94 -15.46 -18.30 5.94
CA ARG A 94 -14.87 -16.96 6.14
C ARG A 94 -15.76 -16.07 6.99
N CYS A 95 -17.07 -16.15 6.79
CA CYS A 95 -18.05 -15.49 7.67
C CYS A 95 -17.90 -15.83 9.14
N MSE A 96 -17.68 -17.13 9.40
CA MSE A 96 -17.50 -17.64 10.75
C MSE A 96 -16.20 -17.17 11.33
O MSE A 96 -16.15 -16.77 12.46
CB MSE A 96 -17.56 -19.18 10.78
CG MSE A 96 -18.96 -19.71 10.40
SE MSE A 96 -18.83 -21.63 9.99
CE MSE A 96 -18.80 -22.25 11.85
N ALA A 97 -15.12 -17.25 10.55
CA ALA A 97 -13.80 -16.82 11.02
C ALA A 97 -13.78 -15.29 11.25
N LEU A 98 -14.39 -14.52 10.33
CA LEU A 98 -14.42 -13.06 10.49
C LEU A 98 -15.21 -12.61 11.73
N ALA A 99 -16.40 -13.18 11.92
CA ALA A 99 -17.31 -12.81 13.00
C ALA A 99 -16.68 -12.93 14.38
N GLU A 100 -16.04 -14.07 14.64
CA GLU A 100 -15.43 -14.30 15.95
C GLU A 100 -14.27 -13.34 16.21
N HIS A 101 -13.50 -13.04 15.17
CA HIS A 101 -12.32 -12.17 15.35
C HIS A 101 -12.68 -10.70 15.43
N ILE A 102 -13.56 -10.22 14.56
CA ILE A 102 -14.03 -8.82 14.64
C ILE A 102 -14.71 -8.54 15.99
N SER A 103 -15.64 -9.42 16.38
CA SER A 103 -16.36 -9.28 17.65
CA SER A 103 -16.36 -9.24 17.65
C SER A 103 -15.40 -9.24 18.83
N ASP A 104 -14.44 -10.14 18.83
CA ASP A 104 -13.44 -10.25 19.88
C ASP A 104 -12.44 -9.10 19.89
N SER A 105 -12.25 -8.42 18.76
CA SER A 105 -11.21 -7.39 18.63
C SER A 105 -11.69 -5.95 18.84
N ILE A 106 -12.99 -5.74 19.01
CA ILE A 106 -13.45 -4.38 19.29
C ILE A 106 -13.10 -4.05 20.74
N PRO A 107 -12.33 -2.98 20.99
CA PRO A 107 -12.01 -2.73 22.39
C PRO A 107 -13.25 -2.34 23.19
N ILE A 108 -13.17 -2.52 24.49
CA ILE A 108 -14.33 -2.35 25.36
C ILE A 108 -14.94 -0.93 25.30
N SER A 109 -14.11 0.08 25.13
CA SER A 109 -14.58 1.46 25.01
C SER A 109 -15.45 1.64 23.76
N GLU A 110 -15.03 1.01 22.67
CA GLU A 110 -15.71 1.15 21.40
C GLU A 110 -16.97 0.29 21.41
N LEU A 111 -16.89 -0.86 22.07
CA LEU A 111 -18.04 -1.75 22.23
C LEU A 111 -19.15 -1.07 23.03
N SER A 112 -18.77 -0.42 24.13
CA SER A 112 -19.74 0.32 24.94
C SER A 112 -20.38 1.44 24.14
N ARG A 113 -19.55 2.19 23.42
CA ARG A 113 -20.03 3.26 22.58
C ARG A 113 -21.07 2.74 21.56
N LEU A 114 -20.75 1.66 20.87
CA LEU A 114 -21.67 1.07 19.91
C LEU A 114 -22.99 0.67 20.60
N ARG A 115 -22.89 -0.05 21.72
CA ARG A 115 -24.07 -0.45 22.49
C ARG A 115 -24.94 0.75 22.89
N TYR A 116 -24.29 1.81 23.37
CA TYR A 116 -25.00 3.01 23.79
C TYR A 116 -25.81 3.65 22.65
N ASN A 117 -25.16 3.82 21.51
CA ASN A 117 -25.79 4.50 20.39
C ASN A 117 -26.86 3.61 19.74
N LEU A 118 -26.64 2.31 19.75
CA LEU A 118 -27.62 1.36 19.23
C LEU A 118 -28.87 1.40 20.13
N SER A 119 -28.67 1.36 21.44
CA SER A 119 -29.75 1.45 22.43
CA SER A 119 -29.78 1.42 22.39
C SER A 119 -30.61 2.70 22.21
N LYS A 120 -29.94 3.83 21.99
CA LYS A 120 -30.64 5.09 21.76
C LYS A 120 -31.50 4.99 20.51
N TYR A 121 -30.96 4.39 19.46
CA TYR A 121 -31.72 4.17 18.23
C TYR A 121 -32.90 3.24 18.51
N LEU A 122 -32.66 2.15 19.25
CA LEU A 122 -33.68 1.12 19.45
C LEU A 122 -34.87 1.57 20.32
N ARG A 123 -34.68 2.64 21.09
CA ARG A 123 -35.72 3.24 21.91
C ARG A 123 -36.36 4.46 21.22
N GLY A 124 -35.93 4.78 20.00
CA GLY A 124 -36.48 5.90 19.26
C GLY A 124 -35.98 7.25 19.72
N HIS A 125 -34.88 7.30 20.48
CA HIS A 125 -34.32 8.59 20.93
C HIS A 125 -33.59 9.32 19.80
N THR A 126 -33.13 8.58 18.79
CA THR A 126 -32.34 9.16 17.70
C THR A 126 -32.73 8.55 16.38
N GLU A 127 -32.64 9.35 15.32
CA GLU A 127 -32.97 8.93 13.94
C GLU A 127 -32.03 7.87 13.37
N SER A 128 -30.78 7.92 13.78
CA SER A 128 -29.76 6.99 13.29
C SER A 128 -28.94 6.46 14.46
N ILE A 129 -28.10 5.45 14.20
CA ILE A 129 -27.17 4.96 15.22
C ILE A 129 -26.00 5.94 15.22
N GLU A 130 -25.86 6.75 16.25
CA GLU A 130 -24.86 7.83 16.22
C GLU A 130 -23.51 7.33 16.74
N ASP A 131 -22.61 8.28 17.08
CA ASP A 131 -21.26 7.95 17.54
C ASP A 131 -20.87 8.70 18.80
N LYS A 132 -21.84 8.98 19.66
CA LYS A 132 -21.58 9.70 20.91
C LYS A 132 -21.11 8.75 21.98
N PHE A 133 -20.28 9.27 22.87
CA PHE A 133 -19.85 8.54 24.04
C PHE A 133 -20.75 8.89 25.19
N ASP A 134 -21.10 7.88 25.98
CA ASP A 134 -21.93 8.08 27.14
C ASP A 134 -21.04 8.45 28.31
N TYR A 135 -20.75 9.74 28.45
CA TYR A 135 -19.86 10.23 29.50
C TYR A 135 -20.68 10.47 30.75
N SER B 4 -1.98 -29.08 -9.02
CA SER B 4 -1.19 -27.85 -8.69
C SER B 4 -0.43 -28.06 -7.38
N PHE B 5 0.85 -27.68 -7.34
CA PHE B 5 1.63 -27.90 -6.13
C PHE B 5 1.04 -27.11 -4.98
N LYS B 6 0.70 -25.85 -5.25
CA LYS B 6 -0.01 -24.98 -4.30
C LYS B 6 -1.25 -25.68 -3.71
N LEU B 7 -2.08 -26.26 -4.57
CA LEU B 7 -3.31 -26.92 -4.10
C LEU B 7 -3.01 -28.19 -3.25
N ILE B 8 -1.92 -28.89 -3.54
CA ILE B 8 -1.47 -30.01 -2.70
C ILE B 8 -1.17 -29.54 -1.26
N LEU B 9 -0.50 -28.40 -1.15
CA LEU B 9 -0.19 -27.84 0.17
C LEU B 9 -1.46 -27.43 0.89
N ALA B 10 -2.38 -26.80 0.17
CA ALA B 10 -3.64 -26.38 0.74
C ALA B 10 -4.41 -27.59 1.24
N GLU B 11 -4.40 -28.67 0.47
CA GLU B 11 -5.11 -29.89 0.88
C GLU B 11 -4.49 -30.48 2.14
N TYR B 12 -3.17 -30.52 2.19
CA TYR B 12 -2.45 -31.03 3.34
C TYR B 12 -2.78 -30.25 4.62
N ILE B 13 -2.70 -28.92 4.53
CA ILE B 13 -3.01 -28.10 5.70
C ILE B 13 -4.49 -28.25 6.12
N ARG B 14 -5.39 -28.13 5.15
CA ARG B 14 -6.83 -28.22 5.39
C ARG B 14 -7.21 -29.51 6.11
N HIS B 15 -6.69 -30.63 5.62
CA HIS B 15 -7.13 -31.95 6.05
C HIS B 15 -6.04 -32.78 6.71
N ARG B 16 -5.07 -32.18 7.41
CA ARG B 16 -3.99 -32.98 7.99
C ARG B 16 -4.49 -34.11 8.89
N ASN B 17 -5.57 -33.87 9.63
CA ASN B 17 -6.10 -34.85 10.56
C ASN B 17 -6.52 -36.18 9.92
N THR B 18 -7.04 -36.15 8.70
CA THR B 18 -7.59 -37.34 8.05
C THR B 18 -6.92 -37.73 6.74
N ILE B 19 -6.08 -36.86 6.18
CA ILE B 19 -5.56 -37.07 4.83
C ILE B 19 -4.53 -38.20 4.79
N SER B 20 -4.51 -38.94 3.70
CA SER B 20 -3.53 -40.01 3.53
C SER B 20 -3.00 -40.01 2.12
N GLY B 21 -1.82 -40.58 1.94
CA GLY B 21 -1.18 -40.62 0.63
C GLY B 21 0.28 -40.33 0.79
N ASN B 22 1.06 -40.84 -0.14
CA ASN B 22 2.51 -40.75 -0.07
C ASN B 22 2.98 -39.29 0.03
N ILE B 23 2.43 -38.39 -0.78
CA ILE B 23 2.87 -36.98 -0.70
C ILE B 23 2.66 -36.41 0.70
N TYR B 24 1.56 -36.78 1.32
CA TYR B 24 1.15 -36.23 2.61
C TYR B 24 1.86 -36.83 3.80
N SER B 25 2.12 -38.13 3.78
CA SER B 25 2.89 -38.72 4.86
C SER B 25 4.31 -38.16 4.81
N ALA B 26 4.80 -37.85 3.60
CA ALA B 26 6.09 -37.17 3.45
C ALA B 26 6.08 -35.78 4.13
N LEU B 27 5.03 -35.02 3.90
CA LEU B 27 4.94 -33.68 4.49
C LEU B 27 4.86 -33.73 6.00
N MSE B 28 4.34 -34.83 6.54
CA MSE B 28 4.29 -35.01 7.99
C MSE B 28 5.66 -35.15 8.60
O MSE B 28 5.82 -34.86 9.77
CB MSE B 28 3.37 -36.18 8.39
CG MSE B 28 1.90 -35.92 8.03
SE MSE B 28 0.91 -37.61 8.33
CE MSE B 28 -0.56 -37.38 7.04
N THR B 29 6.66 -35.57 7.83
CA THR B 29 8.02 -35.63 8.36
C THR B 29 8.56 -34.26 8.74
N LEU B 30 7.98 -33.19 8.17
CA LEU B 30 8.37 -31.82 8.53
C LEU B 30 8.01 -31.40 9.95
N ASP B 31 7.10 -32.11 10.60
CA ASP B 31 6.86 -31.89 12.03
C ASP B 31 8.16 -31.79 12.84
N ASP B 32 9.10 -32.71 12.60
CA ASP B 32 10.38 -32.74 13.31
C ASP B 32 11.13 -31.42 13.25
N LEU B 33 11.09 -30.77 12.08
CA LEU B 33 11.62 -29.42 11.93
C LEU B 33 10.96 -28.42 12.86
N ALA B 34 9.63 -28.46 12.93
CA ALA B 34 8.87 -27.56 13.80
C ALA B 34 9.16 -27.81 15.27
N ILE B 35 9.25 -29.08 15.64
CA ILE B 35 9.55 -29.48 17.02
C ILE B 35 10.96 -29.04 17.43
N LYS B 36 11.95 -29.19 16.55
CA LYS B 36 13.29 -28.65 16.83
C LYS B 36 13.24 -27.14 17.02
N GLN B 37 12.57 -26.45 16.11
CA GLN B 37 12.50 -25.00 16.15
C GLN B 37 11.82 -24.46 17.42
N TYR B 38 10.71 -25.08 17.82
CA TYR B 38 9.87 -24.53 18.88
C TYR B 38 9.67 -25.39 20.12
N GLY B 39 10.14 -26.63 20.12
CA GLY B 39 9.95 -27.51 21.28
C GLY B 39 8.56 -28.10 21.34
N ASP B 40 7.93 -28.03 22.51
CA ASP B 40 6.58 -28.59 22.70
C ASP B 40 5.55 -27.73 21.97
N ILE B 41 4.95 -28.31 20.94
CA ILE B 41 3.99 -27.60 20.09
C ILE B 41 2.71 -27.28 20.88
N ASP B 42 2.28 -28.23 21.71
CA ASP B 42 1.10 -28.04 22.56
C ASP B 42 1.23 -26.78 23.42
N LEU B 43 2.43 -26.55 23.96
CA LEU B 43 2.65 -25.38 24.81
C LEU B 43 2.63 -24.10 23.98
N LEU B 44 3.27 -24.14 22.81
CA LEU B 44 3.24 -23.02 21.89
C LEU B 44 1.78 -22.69 21.55
N PHE B 45 1.01 -23.70 21.18
CA PHE B 45 -0.39 -23.51 20.79
C PHE B 45 -1.30 -23.06 21.96
N ASN B 46 -1.24 -23.76 23.09
CA ASN B 46 -2.16 -23.49 24.19
C ASN B 46 -1.76 -22.30 25.07
N GLU B 47 -0.47 -22.12 25.29
CA GLU B 47 0.00 -21.08 26.23
C GLU B 47 0.50 -19.82 25.52
N LYS B 48 1.33 -19.98 24.51
CA LYS B 48 1.92 -18.82 23.84
C LYS B 48 0.93 -18.18 22.86
N LEU B 49 0.38 -18.97 21.95
CA LEU B 49 -0.47 -18.41 20.92
C LEU B 49 -1.96 -18.39 21.28
N LYS B 50 -2.37 -19.26 22.20
CA LYS B 50 -3.78 -19.38 22.61
C LYS B 50 -4.64 -19.59 21.37
N VAL B 51 -4.39 -20.68 20.66
CA VAL B 51 -5.03 -20.89 19.36
C VAL B 51 -6.53 -21.15 19.46
N ASP B 52 -7.00 -21.56 20.64
CA ASP B 52 -8.44 -21.80 20.88
C ASP B 52 -9.23 -20.50 21.12
N SER B 53 -8.56 -19.37 21.33
CA SER B 53 -9.25 -18.11 21.55
C SER B 53 -9.97 -17.67 20.30
N ASP B 54 -10.76 -16.60 20.40
CA ASP B 54 -11.58 -16.14 19.26
C ASP B 54 -10.74 -15.57 18.14
N SER B 55 -9.54 -15.12 18.48
CA SER B 55 -8.61 -14.56 17.51
C SER B 55 -7.45 -15.54 17.15
N GLY B 56 -7.57 -16.79 17.58
CA GLY B 56 -6.52 -17.80 17.38
C GLY B 56 -6.01 -17.95 15.97
N LEU B 57 -6.94 -17.86 15.01
CA LEU B 57 -6.61 -17.95 13.60
C LEU B 57 -5.63 -16.83 13.22
N PHE B 58 -6.01 -15.61 13.56
CA PHE B 58 -5.24 -14.43 13.16
C PHE B 58 -3.95 -14.31 13.96
N ASP B 59 -3.97 -14.70 15.23
CA ASP B 59 -2.75 -14.75 16.05
C ASP B 59 -1.77 -15.83 15.59
N PHE B 60 -2.29 -16.94 15.05
CA PHE B 60 -1.41 -17.97 14.50
C PHE B 60 -0.76 -17.46 13.23
N VAL B 61 -1.57 -16.93 12.31
CA VAL B 61 -1.05 -16.40 11.05
C VAL B 61 -0.02 -15.30 11.30
N ASN B 62 -0.26 -14.45 12.30
CA ASN B 62 0.70 -13.40 12.66
CA ASN B 62 0.70 -13.42 12.64
C ASN B 62 2.03 -13.99 13.13
N PHE B 63 1.98 -15.08 13.87
CA PHE B 63 3.17 -15.74 14.39
C PHE B 63 4.07 -16.30 13.28
N VAL B 64 3.48 -16.91 12.25
CA VAL B 64 4.27 -17.51 11.17
C VAL B 64 4.53 -16.59 9.98
N LYS B 65 3.95 -15.39 9.96
CA LYS B 65 3.99 -14.59 8.73
C LYS B 65 5.42 -14.24 8.28
N ASP B 66 6.34 -14.08 9.23
CA ASP B 66 7.75 -13.80 8.87
C ASP B 66 8.41 -14.91 8.06
N MSE B 67 7.89 -16.14 8.19
CA MSE B 67 8.49 -17.30 7.51
C MSE B 67 7.77 -17.71 6.26
O MSE B 67 8.29 -18.50 5.48
CB MSE B 67 8.48 -18.43 8.50
CG MSE B 67 9.23 -18.04 9.76
SE MSE B 67 9.20 -19.61 10.92
CE MSE B 67 10.56 -19.06 12.23
N ILE B 68 6.58 -17.16 6.01
CA ILE B 68 5.85 -17.48 4.79
C ILE B 68 6.76 -17.32 3.57
N CYS B 69 7.62 -16.30 3.59
CA CYS B 69 8.49 -16.00 2.45
C CYS B 69 9.75 -16.89 2.35
N CYS B 70 10.30 -17.32 3.49
CA CYS B 70 11.67 -17.85 3.53
C CYS B 70 11.87 -19.25 4.16
N ASP B 71 10.81 -19.86 4.70
CA ASP B 71 10.95 -21.18 5.30
C ASP B 71 9.61 -21.89 5.33
N SER B 72 9.15 -22.28 4.15
CA SER B 72 7.85 -22.87 4.03
C SER B 72 7.74 -24.24 4.72
N ARG B 73 8.87 -24.95 4.90
CA ARG B 73 8.82 -26.26 5.59
C ARG B 73 8.19 -26.10 6.97
N ILE B 74 8.64 -25.09 7.71
CA ILE B 74 8.17 -24.85 9.07
C ILE B 74 6.74 -24.32 9.07
N VAL B 75 6.45 -23.42 8.15
CA VAL B 75 5.13 -22.80 8.05
C VAL B 75 4.09 -23.86 7.68
N VAL B 76 4.43 -24.69 6.70
CA VAL B 76 3.56 -25.80 6.30
C VAL B 76 3.33 -26.78 7.45
N ALA B 77 4.40 -27.22 8.10
CA ALA B 77 4.28 -28.12 9.25
C ALA B 77 3.38 -27.54 10.37
N LEU B 78 3.64 -26.31 10.78
CA LEU B 78 2.90 -25.72 11.88
C LEU B 78 1.44 -25.46 11.52
N SER B 79 1.21 -24.99 10.30
CA SER B 79 -0.14 -24.75 9.81
C SER B 79 -0.95 -26.08 9.82
N SER B 80 -0.35 -27.14 9.30
CA SER B 80 -0.98 -28.46 9.29
C SER B 80 -1.29 -28.93 10.71
N LEU B 81 -0.37 -28.68 11.64
CA LEU B 81 -0.53 -29.08 13.04
C LEU B 81 -1.61 -28.29 13.76
N VAL B 82 -1.69 -26.99 13.52
CA VAL B 82 -2.75 -26.19 14.12
C VAL B 82 -4.09 -26.47 13.45
N SER B 83 -4.08 -26.76 12.15
CA SER B 83 -5.28 -27.19 11.47
C SER B 83 -5.82 -28.46 12.14
N LYS B 84 -4.94 -29.44 12.36
CA LYS B 84 -5.36 -30.68 13.02
C LYS B 84 -6.02 -30.41 14.36
N HIS B 85 -5.38 -29.58 15.16
CA HIS B 85 -5.89 -29.16 16.45
C HIS B 85 -7.28 -28.54 16.38
N TRP B 86 -7.51 -27.68 15.38
CA TRP B 86 -8.79 -27.01 15.21
C TRP B 86 -9.87 -27.95 14.69
N GLU B 87 -9.49 -28.90 13.86
CA GLU B 87 -10.46 -29.90 13.43
C GLU B 87 -10.94 -30.72 14.64
N LEU B 88 -10.02 -31.09 15.52
CA LEU B 88 -10.31 -31.91 16.68
C LEU B 88 -11.03 -31.15 17.80
N THR B 89 -10.99 -29.83 17.79
CA THR B 89 -11.70 -29.03 18.77
C THR B 89 -12.86 -28.28 18.12
N ASN B 90 -13.44 -28.86 17.06
CA ASN B 90 -14.64 -28.34 16.40
C ASN B 90 -14.56 -26.94 15.82
N LYS B 91 -13.47 -26.65 15.10
CA LYS B 91 -13.32 -25.37 14.42
C LYS B 91 -12.78 -25.61 13.00
N LYS B 92 -13.42 -26.51 12.28
CA LYS B 92 -12.98 -26.85 10.94
C LYS B 92 -12.95 -25.66 9.98
N TYR B 93 -13.85 -24.71 10.20
CA TYR B 93 -13.90 -23.51 9.39
C TYR B 93 -12.53 -22.76 9.41
N ARG B 94 -11.83 -22.83 10.54
CA ARG B 94 -10.47 -22.27 10.65
C ARG B 94 -9.44 -23.03 9.79
N CYS B 95 -9.57 -24.36 9.72
CA CYS B 95 -8.71 -25.15 8.83
C CYS B 95 -8.79 -24.65 7.39
N MSE B 96 -10.00 -24.34 6.95
CA MSE B 96 -10.21 -23.93 5.56
CA MSE B 96 -10.28 -23.91 5.57
C MSE B 96 -9.73 -22.52 5.31
O MSE B 96 -9.13 -22.25 4.27
CB MSE B 96 -11.69 -24.01 5.20
CB MSE B 96 -11.79 -23.84 5.32
CG MSE B 96 -12.18 -25.44 5.30
CG MSE B 96 -12.60 -25.07 5.74
SE MSE B 96 -14.11 -25.32 5.09
SE MSE B 96 -12.40 -26.45 4.36
CE MSE B 96 -14.16 -25.04 3.15
CE MSE B 96 -12.03 -27.97 5.57
N ALA B 97 -9.96 -21.61 6.25
CA ALA B 97 -9.44 -20.25 6.11
C ALA B 97 -7.90 -20.24 6.11
N LEU B 98 -7.29 -21.00 7.01
CA LEU B 98 -5.83 -21.10 7.06
C LEU B 98 -5.18 -21.66 5.78
N ALA B 99 -5.72 -22.78 5.30
CA ALA B 99 -5.14 -23.51 4.16
C ALA B 99 -5.05 -22.65 2.90
N GLU B 100 -6.13 -21.94 2.56
CA GLU B 100 -6.17 -21.12 1.36
C GLU B 100 -5.19 -19.95 1.48
N HIS B 101 -5.08 -19.38 2.67
CA HIS B 101 -4.25 -18.21 2.84
C HIS B 101 -2.77 -18.56 2.83
N ILE B 102 -2.36 -19.52 3.66
CA ILE B 102 -0.96 -19.93 3.73
C ILE B 102 -0.45 -20.40 2.38
N SER B 103 -1.24 -21.25 1.71
CA SER B 103 -0.83 -21.82 0.43
CA SER B 103 -0.81 -21.81 0.44
C SER B 103 -0.60 -20.72 -0.61
N ASP B 104 -1.48 -19.73 -0.63
CA ASP B 104 -1.40 -18.65 -1.60
C ASP B 104 -0.43 -17.52 -1.23
N SER B 105 0.02 -17.47 0.03
CA SER B 105 0.91 -16.41 0.48
C SER B 105 2.39 -16.79 0.42
N ILE B 106 2.71 -18.07 0.23
CA ILE B 106 4.09 -18.50 0.03
C ILE B 106 4.56 -18.00 -1.34
N PRO B 107 5.72 -17.31 -1.38
CA PRO B 107 6.23 -16.81 -2.67
C PRO B 107 6.55 -17.94 -3.64
N ILE B 108 6.32 -17.69 -4.92
CA ILE B 108 6.63 -18.66 -5.98
C ILE B 108 8.03 -19.29 -5.83
N SER B 109 9.02 -18.50 -5.47
CA SER B 109 10.38 -19.03 -5.33
C SER B 109 10.50 -20.03 -4.20
N GLU B 110 9.84 -19.75 -3.08
CA GLU B 110 9.83 -20.66 -1.93
C GLU B 110 8.97 -21.88 -2.25
N LEU B 111 7.93 -21.72 -3.05
CA LEU B 111 7.13 -22.83 -3.51
C LEU B 111 7.96 -23.82 -4.31
N SER B 112 8.68 -23.28 -5.29
CA SER B 112 9.53 -24.08 -6.16
C SER B 112 10.64 -24.76 -5.38
N ARG B 113 11.17 -24.06 -4.40
CA ARG B 113 12.13 -24.66 -3.49
C ARG B 113 11.53 -25.87 -2.74
N LEU B 114 10.36 -25.69 -2.11
CA LEU B 114 9.76 -26.80 -1.37
C LEU B 114 9.49 -27.97 -2.30
N ARG B 115 8.96 -27.67 -3.48
CA ARG B 115 8.70 -28.68 -4.47
C ARG B 115 9.98 -29.41 -4.88
N TYR B 116 11.04 -28.64 -5.10
CA TYR B 116 12.34 -29.16 -5.48
C TYR B 116 12.84 -30.17 -4.45
N ASN B 117 12.90 -29.75 -3.19
CA ASN B 117 13.36 -30.65 -2.14
C ASN B 117 12.41 -31.82 -1.87
N LEU B 118 11.09 -31.59 -1.93
CA LEU B 118 10.12 -32.65 -1.70
C LEU B 118 10.21 -33.73 -2.79
N SER B 119 10.36 -33.33 -4.05
CA SER B 119 10.49 -34.30 -5.15
C SER B 119 11.71 -35.17 -4.93
N LYS B 120 12.80 -34.57 -4.49
CA LYS B 120 14.03 -35.32 -4.21
C LYS B 120 13.81 -36.38 -3.13
N TYR B 121 13.11 -35.97 -2.07
CA TYR B 121 12.79 -36.88 -0.99
C TYR B 121 11.92 -38.01 -1.54
N LEU B 122 10.88 -37.68 -2.27
CA LEU B 122 9.94 -38.70 -2.78
C LEU B 122 10.57 -39.63 -3.79
N ARG B 123 11.61 -39.15 -4.48
CA ARG B 123 12.37 -39.99 -5.41
C ARG B 123 13.48 -40.79 -4.69
N GLY B 124 13.63 -40.61 -3.39
CA GLY B 124 14.62 -41.37 -2.65
C GLY B 124 16.05 -40.88 -2.81
N HIS B 125 16.22 -39.65 -3.29
CA HIS B 125 17.56 -39.08 -3.47
C HIS B 125 18.11 -38.49 -2.18
N THR B 126 17.23 -38.11 -1.26
CA THR B 126 17.68 -37.59 0.02
C THR B 126 16.94 -38.31 1.13
N GLU B 127 17.56 -38.31 2.32
CA GLU B 127 17.03 -38.95 3.51
C GLU B 127 15.87 -38.19 4.12
N SER B 128 15.90 -36.88 3.98
CA SER B 128 14.86 -36.00 4.50
C SER B 128 14.53 -34.94 3.46
N ILE B 129 13.51 -34.15 3.76
CA ILE B 129 13.10 -33.01 2.94
CA ILE B 129 13.13 -33.04 2.91
C ILE B 129 14.06 -31.87 3.20
N GLU B 130 14.97 -31.60 2.27
CA GLU B 130 16.02 -30.60 2.51
C GLU B 130 15.54 -29.18 2.22
N ASP B 131 16.47 -28.23 2.25
CA ASP B 131 16.15 -26.83 1.97
C ASP B 131 17.09 -26.19 0.92
N LYS B 132 17.51 -26.98 -0.07
CA LYS B 132 18.42 -26.47 -1.09
C LYS B 132 17.64 -25.77 -2.18
N PHE B 133 18.35 -25.01 -3.01
CA PHE B 133 17.77 -24.39 -4.19
C PHE B 133 18.39 -25.06 -5.38
N ASP B 134 17.70 -25.02 -6.50
CA ASP B 134 18.30 -25.48 -7.73
C ASP B 134 19.24 -24.38 -8.26
N TYR B 135 19.90 -24.65 -9.38
CA TYR B 135 20.92 -23.75 -9.89
C TYR B 135 20.45 -22.30 -10.07
N PHE B 136 19.23 -22.12 -10.53
CA PHE B 136 18.73 -20.79 -10.87
C PHE B 136 18.18 -19.92 -9.73
N GLU B 137 17.88 -20.51 -8.58
CA GLU B 137 17.34 -19.73 -7.44
C GLU B 137 18.39 -19.48 -6.37
N ASP B 138 19.51 -20.18 -6.46
CA ASP B 138 20.51 -20.17 -5.39
C ASP B 138 21.27 -18.85 -5.35
N SER C 4 23.79 0.24 -14.94
CA SER C 4 24.96 1.14 -14.90
C SER C 4 24.78 2.28 -15.91
N PHE C 5 24.27 1.98 -17.11
CA PHE C 5 23.98 3.07 -18.04
C PHE C 5 22.83 3.94 -17.53
N LYS C 6 21.83 3.30 -16.92
CA LYS C 6 20.80 4.04 -16.20
C LYS C 6 21.38 5.02 -15.15
N LEU C 7 22.39 4.55 -14.42
CA LEU C 7 23.01 5.34 -13.36
C LEU C 7 23.85 6.49 -13.94
N ILE C 8 24.46 6.27 -15.10
CA ILE C 8 25.19 7.32 -15.80
C ILE C 8 24.25 8.44 -16.23
N LEU C 9 23.13 8.06 -16.83
CA LEU C 9 22.11 9.01 -17.22
C LEU C 9 21.57 9.79 -16.02
N ALA C 10 21.31 9.08 -14.93
CA ALA C 10 20.85 9.69 -13.69
C ALA C 10 21.86 10.71 -13.18
N GLU C 11 23.14 10.34 -13.17
CA GLU C 11 24.19 11.28 -12.74
C GLU C 11 24.24 12.51 -13.63
N TYR C 12 24.12 12.29 -14.93
CA TYR C 12 24.15 13.37 -15.90
C TYR C 12 23.03 14.37 -15.68
N ILE C 13 21.82 13.84 -15.53
CA ILE C 13 20.68 14.70 -15.27
C ILE C 13 20.83 15.39 -13.92
N ARG C 14 21.13 14.61 -12.90
CA ARG C 14 21.23 15.13 -11.53
C ARG C 14 22.23 16.27 -11.40
N HIS C 15 23.41 16.08 -12.00
CA HIS C 15 24.55 16.96 -11.77
C HIS C 15 25.07 17.62 -13.04
N ARG C 16 24.20 17.87 -14.02
CA ARG C 16 24.57 18.43 -15.32
CA ARG C 16 24.64 18.39 -15.29
C ARG C 16 25.46 19.67 -15.15
N ASN C 17 25.04 20.56 -14.25
CA ASN C 17 25.76 21.81 -14.04
C ASN C 17 27.24 21.66 -13.71
N THR C 18 27.62 20.59 -13.01
CA THR C 18 28.98 20.42 -12.52
C THR C 18 29.72 19.20 -13.04
N ILE C 19 29.02 18.22 -13.60
CA ILE C 19 29.68 16.95 -13.87
C ILE C 19 30.77 17.02 -14.99
N SER C 20 31.80 16.19 -14.87
CA SER C 20 32.96 16.21 -15.78
C SER C 20 33.22 14.85 -16.38
N GLY C 21 33.68 14.83 -17.63
CA GLY C 21 34.07 13.58 -18.27
C GLY C 21 33.53 13.52 -19.69
N ASN C 22 34.26 12.83 -20.55
CA ASN C 22 33.91 12.81 -21.96
C ASN C 22 32.50 12.26 -22.20
N ILE C 23 32.08 11.25 -21.44
CA ILE C 23 30.75 10.70 -21.69
C ILE C 23 29.68 11.78 -21.46
N TYR C 24 29.93 12.66 -20.49
CA TYR C 24 28.99 13.71 -20.19
C TYR C 24 29.02 14.83 -21.23
N SER C 25 30.21 15.22 -21.70
CA SER C 25 30.26 16.24 -22.76
C SER C 25 29.70 15.67 -24.04
N ALA C 26 29.77 14.35 -24.22
CA ALA C 26 29.11 13.73 -25.36
C ALA C 26 27.59 13.90 -25.24
N LEU C 27 27.05 13.57 -24.08
CA LEU C 27 25.61 13.75 -23.82
C LEU C 27 25.14 15.21 -23.99
N MSE C 28 25.98 16.17 -23.66
CA MSE C 28 25.63 17.59 -23.86
C MSE C 28 25.39 17.96 -25.29
O MSE C 28 24.66 18.91 -25.55
CB MSE C 28 26.69 18.54 -23.27
CG MSE C 28 26.74 18.38 -21.76
SE MSE C 28 28.22 19.48 -21.08
CE MSE C 28 28.35 18.71 -19.28
N THR C 29 25.97 17.23 -26.26
CA THR C 29 25.68 17.50 -27.67
C THR C 29 24.22 17.24 -28.04
N LEU C 30 23.50 16.53 -27.20
CA LEU C 30 22.05 16.33 -27.43
C LEU C 30 21.26 17.63 -27.28
N ASP C 31 21.82 18.64 -26.61
CA ASP C 31 21.16 19.95 -26.54
C ASP C 31 20.70 20.43 -27.92
N ASP C 32 21.55 20.27 -28.92
CA ASP C 32 21.27 20.68 -30.30
C ASP C 32 20.00 20.05 -30.87
N LEU C 33 19.71 18.79 -30.50
CA LEU C 33 18.48 18.13 -30.90
C LEU C 33 17.29 18.82 -30.26
N ALA C 34 17.43 19.11 -28.98
CA ALA C 34 16.37 19.79 -28.24
C ALA C 34 16.11 21.16 -28.85
N ILE C 35 17.16 21.89 -29.19
CA ILE C 35 17.00 23.22 -29.75
C ILE C 35 16.35 23.18 -31.14
N LYS C 36 16.79 22.30 -32.03
CA LYS C 36 16.12 22.13 -33.33
C LYS C 36 14.65 21.78 -33.19
N GLN C 37 14.29 21.04 -32.16
CA GLN C 37 12.91 20.61 -31.93
C GLN C 37 12.02 21.71 -31.34
N TYR C 38 12.55 22.50 -30.41
CA TYR C 38 11.75 23.47 -29.64
C TYR C 38 12.19 24.91 -29.74
N GLY C 39 13.29 25.19 -30.43
CA GLY C 39 13.81 26.54 -30.54
C GLY C 39 14.49 27.02 -29.25
N ASP C 40 14.11 28.21 -28.80
CA ASP C 40 14.70 28.82 -27.62
C ASP C 40 14.26 28.06 -26.37
N ILE C 41 15.19 27.36 -25.73
CA ILE C 41 14.88 26.53 -24.54
C ILE C 41 14.50 27.41 -23.33
N ASP C 42 15.21 28.52 -23.18
CA ASP C 42 14.89 29.54 -22.19
C ASP C 42 13.43 29.98 -22.26
N LEU C 43 12.93 30.18 -23.48
CA LEU C 43 11.56 30.62 -23.68
C LEU C 43 10.58 29.49 -23.36
N LEU C 44 10.92 28.27 -23.75
CA LEU C 44 10.11 27.10 -23.41
C LEU C 44 10.02 26.89 -21.90
N PHE C 45 11.14 27.04 -21.21
CA PHE C 45 11.18 26.85 -19.76
C PHE C 45 10.49 27.97 -19.00
N ASN C 46 10.82 29.21 -19.36
CA ASN C 46 10.32 30.38 -18.64
C ASN C 46 8.89 30.79 -18.98
N GLU C 47 8.37 30.45 -20.15
CA GLU C 47 7.04 30.94 -20.56
C GLU C 47 5.99 29.86 -20.77
N LYS C 48 6.33 28.76 -21.45
CA LYS C 48 5.36 27.69 -21.70
C LYS C 48 5.22 26.71 -20.52
N LEU C 49 6.34 26.35 -19.91
CA LEU C 49 6.31 25.38 -18.81
C LEU C 49 6.33 26.06 -17.45
N LYS C 50 6.92 27.24 -17.36
CA LYS C 50 7.07 27.96 -16.09
C LYS C 50 7.73 27.07 -15.03
N VAL C 51 8.95 26.66 -15.33
CA VAL C 51 9.69 25.69 -14.51
C VAL C 51 10.04 26.25 -13.13
N ASP C 52 10.05 27.56 -12.97
CA ASP C 52 10.27 28.16 -11.65
C ASP C 52 9.06 28.11 -10.71
N SER C 53 7.88 27.72 -11.21
CA SER C 53 6.69 27.67 -10.38
C SER C 53 6.78 26.53 -9.37
N ASP C 54 5.85 26.54 -8.39
CA ASP C 54 5.86 25.52 -7.36
C ASP C 54 5.58 24.14 -7.94
N SER C 55 4.98 24.12 -9.12
CA SER C 55 4.63 22.87 -9.80
C SER C 55 5.55 22.55 -10.99
N GLY C 56 6.65 23.29 -11.10
CA GLY C 56 7.53 23.20 -12.27
C GLY C 56 8.12 21.82 -12.51
N LEU C 57 8.40 21.09 -11.44
CA LEU C 57 8.93 19.76 -11.57
C LEU C 57 7.90 18.88 -12.25
N PHE C 58 6.68 18.93 -11.76
CA PHE C 58 5.65 18.03 -12.27
C PHE C 58 5.16 18.44 -13.65
N ASP C 59 5.18 19.75 -13.92
CA ASP C 59 4.77 20.25 -15.23
C ASP C 59 5.82 19.92 -16.27
N PHE C 60 7.10 19.91 -15.87
CA PHE C 60 8.16 19.49 -16.74
C PHE C 60 8.00 18.03 -17.10
N VAL C 61 7.79 17.21 -16.08
CA VAL C 61 7.68 15.78 -16.28
C VAL C 61 6.48 15.45 -17.14
N ASN C 62 5.40 16.20 -16.97
CA ASN C 62 4.20 15.98 -17.78
C ASN C 62 4.41 16.36 -19.22
N PHE C 63 5.23 17.38 -19.45
CA PHE C 63 5.61 17.77 -20.81
C PHE C 63 6.45 16.74 -21.57
N VAL C 64 7.40 16.09 -20.90
CA VAL C 64 8.27 15.09 -21.60
C VAL C 64 7.73 13.67 -21.52
N LYS C 65 6.63 13.50 -20.80
CA LYS C 65 6.15 12.18 -20.41
C LYS C 65 5.92 11.21 -21.57
N ASP C 66 5.38 11.71 -22.68
CA ASP C 66 5.09 10.87 -23.86
C ASP C 66 6.32 10.55 -24.71
N MSE C 67 7.46 11.14 -24.37
CA MSE C 67 8.70 10.91 -25.12
CA MSE C 67 8.71 10.93 -25.11
C MSE C 67 9.66 10.04 -24.37
O MSE C 67 10.66 9.64 -24.92
CB MSE C 67 9.38 12.24 -25.39
CB MSE C 67 9.39 12.27 -25.33
CG MSE C 67 8.53 13.11 -26.30
CG MSE C 67 8.50 13.22 -26.12
SE MSE C 67 9.68 14.56 -26.94
SE MSE C 67 9.61 14.74 -26.68
CE MSE C 67 9.78 15.51 -25.21
CE MSE C 67 9.96 14.18 -28.54
N ILE C 68 9.35 9.75 -23.12
CA ILE C 68 10.20 8.89 -22.27
C ILE C 68 10.44 7.54 -22.94
N CYS C 69 9.36 7.00 -23.50
CA CYS C 69 9.37 5.68 -24.13
C CYS C 69 10.21 5.62 -25.39
N CYS C 70 10.17 6.70 -26.17
CA CYS C 70 10.47 6.62 -27.58
CA CYS C 70 10.49 6.63 -27.60
C CYS C 70 11.57 7.58 -28.09
N ASP C 71 11.91 8.59 -27.29
CA ASP C 71 12.85 9.62 -27.75
C ASP C 71 13.69 10.10 -26.57
N SER C 72 14.46 9.18 -26.00
CA SER C 72 15.24 9.49 -24.82
C SER C 72 16.31 10.57 -25.06
N ARG C 73 16.77 10.75 -26.29
CA ARG C 73 17.77 11.78 -26.56
C ARG C 73 17.23 13.16 -26.17
N ILE C 74 15.98 13.42 -26.54
CA ILE C 74 15.31 14.68 -26.26
C ILE C 74 14.99 14.81 -24.78
N VAL C 75 14.49 13.73 -24.20
CA VAL C 75 14.11 13.72 -22.81
C VAL C 75 15.35 13.93 -21.95
N VAL C 76 16.43 13.25 -22.26
CA VAL C 76 17.66 13.41 -21.49
C VAL C 76 18.24 14.82 -21.61
N ALA C 77 18.24 15.35 -22.81
CA ALA C 77 18.80 16.68 -23.06
C ALA C 77 17.98 17.70 -22.28
N LEU C 78 16.68 17.67 -22.46
CA LEU C 78 15.80 18.62 -21.76
C LEU C 78 15.87 18.47 -20.25
N SER C 79 15.89 17.21 -19.76
CA SER C 79 15.96 16.98 -18.30
C SER C 79 17.25 17.52 -17.69
N SER C 80 18.36 17.32 -18.39
CA SER C 80 19.64 17.76 -17.89
C SER C 80 19.67 19.30 -17.88
N LEU C 81 19.07 19.91 -18.90
CA LEU C 81 19.00 21.38 -19.01
C LEU C 81 18.10 22.04 -17.95
N VAL C 82 16.94 21.47 -17.68
CA VAL C 82 16.11 22.02 -16.61
C VAL C 82 16.74 21.78 -15.22
N SER C 83 17.42 20.65 -15.08
CA SER C 83 18.16 20.35 -13.86
C SER C 83 19.21 21.43 -13.61
N LYS C 84 19.99 21.75 -14.64
CA LYS C 84 20.99 22.81 -14.54
C LYS C 84 20.36 24.13 -14.07
N HIS C 85 19.24 24.49 -14.69
CA HIS C 85 18.46 25.68 -14.32
C HIS C 85 17.94 25.66 -12.88
N TRP C 86 17.38 24.54 -12.44
CA TRP C 86 16.96 24.42 -11.04
C TRP C 86 18.14 24.49 -10.05
N GLU C 87 19.24 23.85 -10.39
CA GLU C 87 20.45 23.93 -9.58
C GLU C 87 20.95 25.38 -9.44
N LEU C 88 20.95 26.12 -10.55
CA LEU C 88 21.39 27.51 -10.57
C LEU C 88 20.45 28.40 -9.75
N THR C 89 19.18 28.01 -9.68
CA THR C 89 18.21 28.80 -8.95
C THR C 89 17.91 28.20 -7.59
N ASN C 90 18.86 27.44 -7.06
CA ASN C 90 18.78 26.91 -5.71
C ASN C 90 17.60 25.97 -5.43
N LYS C 91 17.30 25.09 -6.39
CA LYS C 91 16.28 24.05 -6.22
C LYS C 91 16.87 22.66 -6.56
N LYS C 92 18.00 22.35 -5.93
CA LYS C 92 18.71 21.10 -6.19
C LYS C 92 17.83 19.88 -5.91
N TYR C 93 16.94 19.99 -4.92
CA TYR C 93 16.02 18.89 -4.60
C TYR C 93 15.23 18.42 -5.83
N ARG C 94 14.87 19.37 -6.70
CA ARG C 94 14.19 19.02 -7.96
C ARG C 94 15.08 18.23 -8.93
N CYS C 95 16.37 18.55 -8.97
CA CYS C 95 17.35 17.83 -9.78
C CYS C 95 17.41 16.36 -9.35
N MSE C 96 17.49 16.15 -8.04
CA MSE C 96 17.48 14.80 -7.44
CA MSE C 96 17.50 14.80 -7.45
C MSE C 96 16.21 14.06 -7.77
O MSE C 96 16.25 12.91 -8.20
CB MSE C 96 17.59 14.90 -5.92
CB MSE C 96 17.72 14.95 -5.94
CG MSE C 96 18.76 15.71 -5.38
CG MSE C 96 19.15 15.41 -5.64
SE MSE C 96 20.50 15.09 -6.08
SE MSE C 96 19.35 15.99 -3.75
CE MSE C 96 20.48 13.36 -5.15
CE MSE C 96 21.31 16.26 -3.66
N ALA C 97 15.08 14.70 -7.58
CA ALA C 97 13.78 14.07 -7.88
C ALA C 97 13.59 13.79 -9.38
N LEU C 98 14.02 14.72 -10.22
CA LEU C 98 13.92 14.49 -11.64
C LEU C 98 14.80 13.33 -12.13
N ALA C 99 16.07 13.32 -11.71
CA ALA C 99 17.05 12.35 -12.21
C ALA C 99 16.64 10.91 -11.91
N GLU C 100 16.24 10.64 -10.68
CA GLU C 100 15.84 9.28 -10.30
C GLU C 100 14.63 8.78 -11.09
N HIS C 101 13.64 9.66 -11.29
CA HIS C 101 12.42 9.29 -11.98
C HIS C 101 12.60 9.11 -13.49
N ILE C 102 13.29 10.05 -14.14
CA ILE C 102 13.49 9.98 -15.59
C ILE C 102 14.33 8.76 -15.95
N SER C 103 15.42 8.56 -15.22
CA SER C 103 16.30 7.43 -15.45
C SER C 103 15.59 6.09 -15.23
N ASP C 104 14.71 6.01 -14.24
CA ASP C 104 13.92 4.82 -13.96
C ASP C 104 12.78 4.57 -14.95
N SER C 105 12.26 5.60 -15.60
CA SER C 105 11.11 5.48 -16.51
C SER C 105 11.44 5.21 -17.99
N ILE C 106 12.71 5.36 -18.38
CA ILE C 106 13.10 5.04 -19.77
C ILE C 106 13.03 3.51 -19.91
N PRO C 107 12.23 3.00 -20.87
CA PRO C 107 12.22 1.53 -21.11
C PRO C 107 13.59 0.96 -21.42
N ILE C 108 13.87 -0.27 -21.00
N ILE C 108 13.85 -0.27 -21.00
CA ILE C 108 15.21 -0.83 -21.22
CA ILE C 108 15.12 -0.92 -21.21
C ILE C 108 15.54 -1.00 -22.71
C ILE C 108 15.52 -0.87 -22.71
N SER C 109 14.53 -0.99 -23.58
CA SER C 109 14.76 -0.99 -25.03
C SER C 109 15.28 0.38 -25.51
N GLU C 110 14.73 1.45 -24.96
CA GLU C 110 15.15 2.79 -25.33
C GLU C 110 16.50 3.13 -24.68
N LEU C 111 16.68 2.64 -23.47
CA LEU C 111 17.94 2.72 -22.74
C LEU C 111 19.08 2.05 -23.52
N SER C 112 18.86 0.82 -23.97
CA SER C 112 19.81 0.11 -24.79
CA SER C 112 19.80 0.10 -24.82
C SER C 112 20.10 0.84 -26.11
N ARG C 113 19.04 1.37 -26.71
CA ARG C 113 19.18 2.11 -27.95
C ARG C 113 20.07 3.36 -27.79
N LEU C 114 19.81 4.14 -26.74
CA LEU C 114 20.59 5.33 -26.48
C LEU C 114 22.05 4.94 -26.26
N ARG C 115 22.25 3.92 -25.44
CA ARG C 115 23.57 3.33 -25.16
C ARG C 115 24.33 2.95 -26.43
N TYR C 116 23.63 2.30 -27.36
CA TYR C 116 24.22 1.92 -28.64
C TYR C 116 24.68 3.12 -29.47
N ASN C 117 23.80 4.11 -29.60
CA ASN C 117 24.15 5.29 -30.40
C ASN C 117 25.20 6.17 -29.69
N LEU C 118 25.12 6.26 -28.36
CA LEU C 118 26.15 7.00 -27.65
C LEU C 118 27.50 6.33 -27.89
N SER C 119 27.55 5.00 -27.75
CA SER C 119 28.77 4.25 -27.91
C SER C 119 29.37 4.45 -29.32
N LYS C 120 28.54 4.41 -30.34
CA LYS C 120 29.00 4.69 -31.70
C LYS C 120 29.65 6.08 -31.80
N TYR C 121 28.98 7.08 -31.23
CA TYR C 121 29.52 8.43 -31.16
C TYR C 121 30.86 8.43 -30.45
N LEU C 122 30.93 7.80 -29.28
CA LEU C 122 32.15 7.81 -28.47
C LEU C 122 33.31 7.03 -29.06
N ARG C 123 33.04 6.11 -29.98
CA ARG C 123 34.08 5.36 -30.67
CA ARG C 123 34.08 5.36 -30.67
C ARG C 123 34.46 6.04 -31.99
N GLY C 124 33.75 7.12 -32.33
CA GLY C 124 34.06 7.90 -33.52
C GLY C 124 33.41 7.43 -34.82
N HIS C 125 32.49 6.47 -34.73
CA HIS C 125 31.83 5.94 -35.93
C HIS C 125 30.82 6.90 -36.53
N THR C 126 30.25 7.79 -35.71
CA THR C 126 29.27 8.74 -36.22
C THR C 126 29.56 10.14 -35.73
N GLU C 127 29.13 11.12 -36.52
CA GLU C 127 29.34 12.54 -36.22
C GLU C 127 28.43 13.09 -35.13
N SER C 128 27.29 12.43 -34.91
CA SER C 128 26.36 12.81 -33.86
C SER C 128 25.87 11.56 -33.15
N ILE C 129 25.21 11.75 -32.02
CA ILE C 129 24.52 10.66 -31.36
C ILE C 129 23.21 10.46 -32.11
N GLU C 130 23.12 9.35 -32.83
CA GLU C 130 22.01 9.04 -33.69
C GLU C 130 20.90 8.29 -32.94
N ASP C 131 19.91 7.80 -33.67
CA ASP C 131 18.76 7.10 -33.08
C ASP C 131 18.51 5.69 -33.66
N LYS C 132 19.56 5.06 -34.19
CA LYS C 132 19.41 3.80 -34.90
C LYS C 132 19.25 2.65 -33.92
N PHE C 133 18.75 1.54 -34.42
CA PHE C 133 18.76 0.31 -33.66
C PHE C 133 19.88 -0.57 -34.20
N ASP C 134 20.46 -1.37 -33.32
CA ASP C 134 21.58 -2.23 -33.70
C ASP C 134 21.21 -3.35 -34.69
N TYR C 135 19.92 -3.55 -34.95
CA TYR C 135 19.48 -4.61 -35.87
C TYR C 135 19.03 -4.08 -37.22
N SER D 4 1.33 32.69 4.75
CA SER D 4 0.11 32.38 3.95
C SER D 4 -0.34 30.97 4.29
N PHE D 5 -1.60 30.67 4.00
CA PHE D 5 -2.18 29.40 4.37
C PHE D 5 -1.55 28.28 3.53
N LYS D 6 -1.31 28.57 2.26
CA LYS D 6 -0.59 27.68 1.36
C LYS D 6 0.77 27.28 1.94
N LEU D 7 1.52 28.27 2.41
CA LEU D 7 2.85 28.07 2.97
C LEU D 7 2.83 27.21 4.23
N ILE D 8 1.78 27.38 5.04
CA ILE D 8 1.58 26.57 6.23
C ILE D 8 1.39 25.10 5.85
N LEU D 9 0.51 24.82 4.90
CA LEU D 9 0.32 23.43 4.44
C LEU D 9 1.63 22.87 3.89
N ALA D 10 2.34 23.67 3.12
CA ALA D 10 3.63 23.25 2.55
C ALA D 10 4.63 22.88 3.65
N GLU D 11 4.72 23.73 4.68
CA GLU D 11 5.60 23.48 5.80
C GLU D 11 5.26 22.18 6.52
N TYR D 12 3.96 21.96 6.69
CA TYR D 12 3.46 20.80 7.39
C TYR D 12 3.88 19.54 6.64
N ILE D 13 3.67 19.55 5.33
CA ILE D 13 4.01 18.39 4.51
C ILE D 13 5.52 18.17 4.49
N ARG D 14 6.26 19.24 4.24
CA ARG D 14 7.72 19.20 4.15
C ARG D 14 8.33 18.64 5.44
N HIS D 15 7.90 19.16 6.58
CA HIS D 15 8.55 18.91 7.87
C HIS D 15 7.73 18.12 8.90
N ARG D 16 6.75 17.36 8.42
CA ARG D 16 5.88 16.56 9.29
CA ARG D 16 5.88 16.56 9.29
C ARG D 16 6.65 15.86 10.41
N ASN D 17 7.79 15.27 10.06
CA ASN D 17 8.58 14.48 10.99
C ASN D 17 9.02 15.23 12.23
N THR D 18 9.32 16.52 12.09
CA THR D 18 9.90 17.31 13.20
C THR D 18 9.12 18.55 13.61
N ILE D 19 8.15 18.99 12.81
CA ILE D 19 7.49 20.27 13.03
C ILE D 19 6.65 20.29 14.32
N SER D 20 6.64 21.44 15.00
CA SER D 20 5.87 21.67 16.22
C SER D 20 5.03 22.90 16.07
N GLY D 21 3.88 22.86 16.73
CA GLY D 21 3.02 24.01 16.78
C GLY D 21 1.58 23.59 16.71
N ASN D 22 0.72 24.42 17.27
CA ASN D 22 -0.71 24.15 17.36
C ASN D 22 -1.37 23.80 16.00
N ILE D 23 -1.13 24.61 14.97
CA ILE D 23 -1.67 24.33 13.63
C ILE D 23 -1.30 22.90 13.18
N TYR D 24 -0.05 22.52 13.46
CA TYR D 24 0.51 21.30 12.95
C TYR D 24 0.06 20.08 13.76
N SER D 25 -0.06 20.21 15.07
CA SER D 25 -0.68 19.14 15.88
C SER D 25 -2.17 18.97 15.52
N ALA D 26 -2.87 20.07 15.21
CA ALA D 26 -4.23 19.97 14.70
C ALA D 26 -4.26 19.18 13.39
N LEU D 27 -3.35 19.50 12.47
CA LEU D 27 -3.33 18.88 11.16
C LEU D 27 -3.06 17.38 11.23
N MSE D 28 -2.32 16.96 12.25
CA MSE D 28 -2.04 15.55 12.48
C MSE D 28 -3.27 14.72 12.77
O MSE D 28 -3.28 13.54 12.42
CB MSE D 28 -1.05 15.37 13.61
CG MSE D 28 0.37 15.77 13.16
SE MSE D 28 1.58 15.75 14.73
CE MSE D 28 2.90 16.93 13.88
N THR D 29 -4.28 15.31 13.39
CA THR D 29 -5.56 14.62 13.60
C THR D 29 -6.24 14.15 12.32
N LEU D 30 -5.86 14.71 11.17
CA LEU D 30 -6.39 14.27 9.87
C LEU D 30 -5.96 12.86 9.45
N ASP D 31 -4.90 12.35 10.09
CA ASP D 31 -4.41 10.99 9.89
C ASP D 31 -5.53 9.95 9.98
N ASP D 32 -6.40 10.12 10.96
CA ASP D 32 -7.59 9.27 11.13
C ASP D 32 -8.45 9.14 9.88
N LEU D 33 -8.56 10.21 9.09
CA LEU D 33 -9.33 10.18 7.84
C LEU D 33 -8.62 9.35 6.79
N ALA D 34 -7.29 9.45 6.73
CA ALA D 34 -6.52 8.62 5.80
C ALA D 34 -6.65 7.13 6.16
N ILE D 35 -6.58 6.84 7.45
CA ILE D 35 -6.74 5.47 7.96
C ILE D 35 -8.11 4.91 7.60
N LYS D 36 -9.18 5.68 7.83
CA LYS D 36 -10.55 5.28 7.48
C LYS D 36 -10.70 5.03 5.97
N GLN D 37 -10.07 5.88 5.16
CA GLN D 37 -10.16 5.76 3.72
C GLN D 37 -9.37 4.58 3.15
N TYR D 38 -8.13 4.39 3.61
CA TYR D 38 -7.23 3.43 2.99
C TYR D 38 -6.86 2.21 3.83
N GLY D 39 -7.20 2.22 5.11
CA GLY D 39 -7.00 1.08 5.98
C GLY D 39 -5.58 1.02 6.53
N ASP D 40 -4.71 0.30 5.82
CA ASP D 40 -3.32 0.11 6.24
C ASP D 40 -2.43 1.02 5.38
N ILE D 41 -1.99 2.13 5.97
CA ILE D 41 -1.19 3.13 5.24
C ILE D 41 0.18 2.54 4.83
N ASP D 42 0.79 1.80 5.74
CA ASP D 42 2.08 1.16 5.49
C ASP D 42 2.01 0.21 4.31
N LEU D 43 0.93 -0.56 4.23
CA LEU D 43 0.74 -1.46 3.12
C LEU D 43 0.58 -0.68 1.84
N LEU D 44 -0.21 0.38 1.91
CA LEU D 44 -0.42 1.24 0.75
C LEU D 44 0.90 1.82 0.23
N PHE D 45 1.74 2.27 1.15
CA PHE D 45 3.01 2.89 0.77
C PHE D 45 4.00 1.84 0.29
N ASN D 46 4.20 0.79 1.09
CA ASN D 46 5.24 -0.19 0.81
C ASN D 46 4.92 -1.13 -0.34
N GLU D 47 3.64 -1.46 -0.54
CA GLU D 47 3.30 -2.48 -1.53
C GLU D 47 2.55 -1.97 -2.75
N LYS D 48 1.62 -1.05 -2.57
CA LYS D 48 0.76 -0.61 -3.67
C LYS D 48 1.38 0.53 -4.44
N LEU D 49 1.96 1.49 -3.74
CA LEU D 49 2.54 2.64 -4.41
C LEU D 49 4.05 2.47 -4.50
N LYS D 50 4.60 1.63 -3.62
CA LYS D 50 6.03 1.36 -3.58
C LYS D 50 6.81 2.68 -3.52
N VAL D 51 6.53 3.45 -2.48
CA VAL D 51 7.04 4.81 -2.38
C VAL D 51 8.58 4.90 -2.28
N ASP D 52 9.26 3.80 -1.93
CA ASP D 52 10.74 3.76 -1.88
C ASP D 52 11.37 3.57 -3.25
N SER D 53 10.57 3.31 -4.28
CA SER D 53 11.09 3.12 -5.61
C SER D 53 11.62 4.45 -6.15
N ASP D 54 12.35 4.35 -7.26
CA ASP D 54 12.89 5.55 -7.89
C ASP D 54 11.81 6.48 -8.41
N SER D 55 10.62 5.93 -8.63
CA SER D 55 9.47 6.71 -9.10
C SER D 55 8.43 6.98 -8.01
N GLY D 56 8.80 6.73 -6.77
CA GLY D 56 7.88 6.79 -5.65
C GLY D 56 7.22 8.13 -5.44
N LEU D 57 7.95 9.22 -5.72
CA LEU D 57 7.36 10.55 -5.61
C LEU D 57 6.25 10.73 -6.62
N PHE D 58 6.53 10.34 -7.86
CA PHE D 58 5.57 10.55 -8.93
C PHE D 58 4.38 9.63 -8.87
N ASP D 59 4.62 8.40 -8.45
CA ASP D 59 3.54 7.43 -8.24
C ASP D 59 2.63 7.85 -7.07
N PHE D 60 3.23 8.36 -6.00
CA PHE D 60 2.43 8.92 -4.91
C PHE D 60 1.52 10.06 -5.42
N VAL D 61 2.09 10.99 -6.19
CA VAL D 61 1.34 12.14 -6.62
C VAL D 61 0.23 11.71 -7.58
N ASN D 62 0.53 10.76 -8.47
CA ASN D 62 -0.48 10.20 -9.36
CA ASN D 62 -0.48 10.19 -9.37
C ASN D 62 -1.63 9.59 -8.58
N PHE D 63 -1.33 8.96 -7.44
CA PHE D 63 -2.35 8.33 -6.62
C PHE D 63 -3.33 9.34 -6.02
N VAL D 64 -2.85 10.51 -5.59
CA VAL D 64 -3.70 11.51 -4.94
C VAL D 64 -4.24 12.58 -5.89
N LYS D 65 -3.83 12.57 -7.16
CA LYS D 65 -4.17 13.66 -8.09
C LYS D 65 -5.69 13.93 -8.22
N ASP D 66 -6.51 12.90 -8.07
CA ASP D 66 -7.96 13.06 -8.12
C ASP D 66 -8.55 13.39 -6.75
N MSE D 67 -8.10 12.71 -5.70
CA MSE D 67 -8.63 12.88 -4.32
C MSE D 67 -8.30 14.28 -3.81
O MSE D 67 -8.70 14.64 -2.70
CB MSE D 67 -8.15 11.68 -3.47
CG MSE D 67 -8.47 11.61 -1.97
SE MSE D 67 -10.40 11.50 -1.46
CE MSE D 67 -10.56 9.53 -1.44
N ILE D 68 -7.63 15.09 -4.63
CA ILE D 68 -7.19 16.46 -4.27
C ILE D 68 -8.33 17.43 -4.05
N CYS D 69 -9.23 17.52 -5.02
CA CYS D 69 -10.32 18.49 -4.96
C CYS D 69 -11.60 17.82 -4.45
N CYS D 70 -11.51 16.54 -4.13
CA CYS D 70 -12.56 15.87 -3.36
C CYS D 70 -12.36 16.16 -1.85
N ASP D 71 -11.23 15.73 -1.27
CA ASP D 71 -10.95 15.96 0.16
C ASP D 71 -9.48 16.32 0.35
N SER D 72 -9.14 17.60 0.30
CA SER D 72 -7.78 18.02 0.60
C SER D 72 -7.33 17.60 2.00
N ARG D 73 -8.27 17.32 2.90
CA ARG D 73 -7.91 16.80 4.21
C ARG D 73 -7.14 15.48 4.09
N ILE D 74 -7.62 14.60 3.22
CA ILE D 74 -6.98 13.31 3.02
C ILE D 74 -5.62 13.44 2.30
N VAL D 75 -5.55 14.26 1.27
CA VAL D 75 -4.32 14.51 0.53
C VAL D 75 -3.24 15.12 1.42
N VAL D 76 -3.62 16.06 2.28
CA VAL D 76 -2.65 16.68 3.16
C VAL D 76 -2.12 15.68 4.17
N ALA D 77 -3.03 14.96 4.82
CA ALA D 77 -2.64 13.94 5.78
C ALA D 77 -1.70 12.89 5.19
N LEU D 78 -2.12 12.33 4.06
CA LEU D 78 -1.35 11.27 3.37
C LEU D 78 -0.02 11.82 2.82
N SER D 79 -0.03 13.03 2.25
CA SER D 79 1.21 13.65 1.79
C SER D 79 2.21 13.84 2.93
N SER D 80 1.72 14.27 4.09
CA SER D 80 2.58 14.52 5.23
C SER D 80 3.14 13.20 5.77
N LEU D 81 2.34 12.14 5.67
CA LEU D 81 2.78 10.83 6.18
C LEU D 81 3.86 10.21 5.29
N VAL D 82 3.75 10.38 3.98
CA VAL D 82 4.75 9.84 3.07
C VAL D 82 6.02 10.71 3.11
N SER D 83 5.84 12.01 3.29
CA SER D 83 6.97 12.89 3.54
C SER D 83 7.81 12.42 4.75
N LYS D 84 7.15 12.20 5.87
CA LYS D 84 7.81 11.73 7.09
C LYS D 84 8.59 10.43 6.80
N HIS D 85 7.92 9.52 6.10
CA HIS D 85 8.55 8.32 5.66
C HIS D 85 9.85 8.59 4.86
N TRP D 86 9.74 9.41 3.81
CA TRP D 86 10.90 9.77 3.02
C TRP D 86 11.98 10.47 3.83
N GLU D 87 11.60 11.34 4.76
CA GLU D 87 12.61 11.99 5.63
C GLU D 87 13.39 10.92 6.39
N LEU D 88 12.69 9.98 7.00
CA LEU D 88 13.32 8.98 7.84
C LEU D 88 14.15 7.99 7.02
N THR D 89 13.90 7.88 5.73
CA THR D 89 14.68 7.00 4.86
C THR D 89 15.65 7.78 3.96
N ASN D 90 16.02 8.97 4.41
CA ASN D 90 17.04 9.81 3.77
CA ASN D 90 17.04 9.81 3.76
C ASN D 90 16.69 10.25 2.34
N LYS D 91 15.42 10.60 2.11
CA LYS D 91 15.03 11.18 0.84
C LYS D 91 14.31 12.50 1.10
N LYS D 92 14.94 13.36 1.90
CA LYS D 92 14.40 14.66 2.19
C LYS D 92 14.08 15.48 0.92
N TYR D 93 14.87 15.35 -0.14
CA TYR D 93 14.55 16.05 -1.39
C TYR D 93 13.12 15.78 -1.92
N ARG D 94 12.62 14.57 -1.70
CA ARG D 94 11.24 14.26 -2.06
C ARG D 94 10.22 15.01 -1.19
N CYS D 95 10.54 15.21 0.08
CA CYS D 95 9.68 15.98 1.00
C CYS D 95 9.46 17.39 0.48
N MSE D 96 10.55 17.96 -0.04
CA MSE D 96 10.58 19.32 -0.54
CA MSE D 96 10.58 19.32 -0.57
C MSE D 96 9.80 19.41 -1.83
O MSE D 96 8.99 20.32 -2.03
CB MSE D 96 12.06 19.75 -0.72
CB MSE D 96 12.03 19.71 -0.93
CG MSE D 96 12.85 19.74 0.60
CG MSE D 96 13.02 19.56 0.21
SE MSE D 96 14.75 20.24 0.38
SE MSE D 96 12.40 20.65 1.74
CE MSE D 96 15.39 20.29 2.26
CE MSE D 96 12.00 22.25 0.67
N ALA D 97 10.00 18.44 -2.71
CA ALA D 97 9.34 18.40 -4.01
C ALA D 97 7.84 18.23 -3.86
N LEU D 98 7.45 17.33 -2.98
CA LEU D 98 6.04 17.03 -2.77
C LEU D 98 5.31 18.24 -2.17
N ALA D 99 5.86 18.78 -1.08
CA ALA D 99 5.24 19.90 -0.38
C ALA D 99 4.83 21.05 -1.29
N GLU D 100 5.76 21.58 -2.08
CA GLU D 100 5.52 22.73 -2.93
C GLU D 100 4.44 22.42 -3.97
N HIS D 101 4.44 21.21 -4.51
CA HIS D 101 3.50 20.84 -5.55
C HIS D 101 2.10 20.61 -5.01
N ILE D 102 2.00 19.85 -3.92
CA ILE D 102 0.69 19.57 -3.32
C ILE D 102 0.03 20.87 -2.88
N SER D 103 0.76 21.71 -2.15
CA SER D 103 0.21 22.96 -1.65
CA SER D 103 0.20 22.95 -1.65
C SER D 103 -0.22 23.89 -2.78
N ASP D 104 0.54 23.90 -3.88
CA ASP D 104 0.25 24.77 -5.03
C ASP D 104 -0.90 24.24 -5.87
N SER D 105 -1.19 22.95 -5.79
CA SER D 105 -2.14 22.29 -6.67
C SER D 105 -3.59 22.31 -6.18
N ILE D 106 -3.78 22.40 -4.86
CA ILE D 106 -5.11 22.38 -4.26
C ILE D 106 -5.84 23.62 -4.77
N PRO D 107 -7.01 23.44 -5.40
CA PRO D 107 -7.71 24.62 -5.92
C PRO D 107 -8.08 25.60 -4.81
N ILE D 108 -8.19 26.88 -5.15
CA ILE D 108 -8.40 27.93 -4.17
C ILE D 108 -9.67 27.68 -3.35
N SER D 109 -10.68 27.07 -3.97
CA SER D 109 -11.95 26.82 -3.29
C SER D 109 -11.79 25.72 -2.24
N GLU D 110 -10.96 24.74 -2.55
CA GLU D 110 -10.69 23.66 -1.63
C GLU D 110 -9.72 24.13 -0.53
N LEU D 111 -8.76 25.00 -0.88
CA LEU D 111 -7.88 25.59 0.13
C LEU D 111 -8.68 26.38 1.16
N SER D 112 -9.62 27.19 0.68
CA SER D 112 -10.44 28.05 1.54
C SER D 112 -11.34 27.20 2.44
N ARG D 113 -11.86 26.10 1.89
CA ARG D 113 -12.59 25.12 2.66
C ARG D 113 -11.77 24.52 3.83
N LEU D 114 -10.56 24.03 3.54
CA LEU D 114 -9.70 23.49 4.59
C LEU D 114 -9.41 24.56 5.64
N ARG D 115 -9.07 25.76 5.19
CA ARG D 115 -8.85 26.87 6.11
C ARG D 115 -10.06 27.14 7.02
N TYR D 116 -11.23 27.18 6.41
CA TYR D 116 -12.48 27.37 7.11
C TYR D 116 -12.72 26.35 8.24
N ASN D 117 -12.66 25.08 7.89
CA ASN D 117 -12.82 24.01 8.90
C ASN D 117 -11.68 23.97 9.92
N LEU D 118 -10.46 24.17 9.47
CA LEU D 118 -9.31 24.14 10.38
C LEU D 118 -9.42 25.26 11.42
N SER D 119 -9.84 26.44 10.97
CA SER D 119 -9.95 27.58 11.89
C SER D 119 -11.00 27.32 12.95
N LYS D 120 -12.12 26.72 12.55
CA LYS D 120 -13.18 26.36 13.50
C LYS D 120 -12.69 25.36 14.54
N TYR D 121 -11.91 24.38 14.10
CA TYR D 121 -11.34 23.41 15.02
C TYR D 121 -10.39 24.11 16.02
N LEU D 122 -9.50 24.93 15.50
CA LEU D 122 -8.51 25.63 16.32
C LEU D 122 -9.14 26.63 17.28
N ARG D 123 -10.31 27.14 16.92
CA ARG D 123 -11.05 28.05 17.79
C ARG D 123 -11.95 27.32 18.78
N GLY D 124 -12.00 25.99 18.68
CA GLY D 124 -12.77 25.18 19.61
C GLY D 124 -14.25 25.08 19.29
N HIS D 125 -14.68 25.44 18.09
CA HIS D 125 -16.10 25.37 17.73
C HIS D 125 -16.51 24.01 17.25
N THR D 126 -15.58 23.18 16.78
CA THR D 126 -15.92 21.80 16.38
C THR D 126 -14.99 20.80 17.06
N GLU D 127 -15.43 19.55 17.21
CA GLU D 127 -14.66 18.50 17.85
C GLU D 127 -13.61 17.91 16.92
N SER D 128 -13.77 18.11 15.63
CA SER D 128 -12.82 17.65 14.64
C SER D 128 -12.76 18.67 13.50
N ILE D 129 -11.79 18.48 12.62
CA ILE D 129 -11.66 19.31 11.43
C ILE D 129 -12.67 18.77 10.42
N GLU D 130 -13.75 19.52 10.22
CA GLU D 130 -14.87 19.07 9.42
C GLU D 130 -14.61 19.34 7.94
N ASP D 131 -15.63 19.16 7.10
CA ASP D 131 -15.52 19.35 5.65
C ASP D 131 -16.67 20.24 5.11
N LYS D 132 -17.13 21.19 5.93
CA LYS D 132 -18.20 22.10 5.49
C LYS D 132 -17.66 23.19 4.61
N PHE D 133 -18.55 23.83 3.88
CA PHE D 133 -18.22 25.05 3.18
C PHE D 133 -18.83 26.21 3.94
N ASP D 134 -18.30 27.41 3.74
CA ASP D 134 -18.96 28.59 4.28
C ASP D 134 -20.17 28.89 3.40
N TYR D 135 -20.94 29.90 3.79
CA TYR D 135 -22.17 30.24 3.11
C TYR D 135 -22.03 30.48 1.61
N PHE D 136 -20.94 31.13 1.19
CA PHE D 136 -20.80 31.58 -0.20
C PHE D 136 -20.14 30.58 -1.13
N GLU D 137 -19.34 29.68 -0.58
CA GLU D 137 -18.65 28.65 -1.36
C GLU D 137 -19.57 27.47 -1.56
N ASP D 138 -20.49 27.27 -0.63
CA ASP D 138 -21.41 26.15 -0.69
C ASP D 138 -22.37 26.31 -1.86
NA NA E . 13.67 -35.22 -8.14
BR BR F . 9.57 22.69 -0.58
NA NA G . -13.21 30.12 13.17
#